data_8BGJ
#
_entry.id   8BGJ
#
_cell.length_a   96.920
_cell.length_b   96.920
_cell.length_c   65.400
_cell.angle_alpha   90.000
_cell.angle_beta   90.000
_cell.angle_gamma   120.000
#
_symmetry.space_group_name_H-M   'P 32'
#
loop_
_entity.id
_entity.type
_entity.pdbx_description
1 polymer 'RNA-directed DNA polymerase'
2 non-polymer 'MAGNESIUM ION'
3 non-polymer 'PENTAETHYLENE GLYCOL'
4 non-polymer 'SODIUM ION'
5 non-polymer 'L(+)-TARTARIC ACID'
6 water water
#
_entity_poly.entity_id   1
_entity_poly.type   'polypeptide(L)'
_entity_poly.pdbx_seq_one_letter_code
;MGSSHHHHHHSSGLVPRGSHMKKYMIKNKNKFREVVVYEDDELRLRKELKEKLEKYFIFPPCVFSFIKGRSAKDAIILAK
EYINQYDYFFKCDIKDFFPSINIEKLLNLLRKRVNDVKFFKELEKLIIEDNKIADFKGLPLGSPLSPILSNVYLEEFDNY
FYKNKKIRYLRFCDDMIFFSNANIYDEIINKLKELGLNLNETKTILGAKGDSVKFLGIIINFKK
;
_entity_poly.pdbx_strand_id   A,B,C
#
# COMPACT_ATOMS: atom_id res chain seq x y z
N MET A 21 -29.36 -5.99 4.65
CA MET A 21 -30.24 -4.83 4.67
C MET A 21 -29.44 -3.54 4.50
N LYS A 22 -29.74 -2.81 3.41
CA LYS A 22 -28.96 -1.63 3.01
C LYS A 22 -29.40 -1.06 1.66
N LYS A 23 -30.25 -0.04 1.66
CA LYS A 23 -30.62 0.65 0.41
C LYS A 23 -29.73 1.82 0.10
N TYR A 24 -30.10 2.97 0.64
CA TYR A 24 -29.24 4.15 0.54
C TYR A 24 -29.80 5.24 1.44
N MET A 25 -28.93 6.20 1.76
CA MET A 25 -29.30 7.37 2.54
C MET A 25 -28.41 8.52 2.05
N ILE A 26 -29.03 9.53 1.42
CA ILE A 26 -28.29 10.71 0.98
C ILE A 26 -27.49 11.24 2.15
N LYS A 27 -26.19 11.42 1.95
CA LYS A 27 -25.29 11.91 2.99
C LYS A 27 -24.39 12.98 2.37
N ASN A 28 -24.59 14.23 2.77
CA ASN A 28 -23.93 15.40 2.18
C ASN A 28 -24.34 15.57 0.72
N LYS A 29 -24.33 14.48 -0.04
CA LYS A 29 -24.81 14.44 -1.40
C LYS A 29 -25.15 13.00 -1.76
N ASN A 30 -24.76 12.56 -2.94
CA ASN A 30 -25.09 11.23 -3.45
C ASN A 30 -23.86 10.33 -3.41
N LYS A 31 -24.02 9.11 -3.91
CA LYS A 31 -22.97 8.11 -4.13
C LYS A 31 -23.65 6.84 -4.62
N PHE A 32 -22.83 5.87 -5.06
CA PHE A 32 -23.36 4.70 -5.77
C PHE A 32 -22.54 3.46 -5.43
N ARG A 33 -22.13 3.37 -4.18
CA ARG A 33 -21.37 2.30 -3.55
C ARG A 33 -21.19 2.73 -2.11
N GLU A 34 -21.00 1.75 -1.21
CA GLU A 34 -21.12 1.95 0.24
C GLU A 34 -22.57 2.22 0.59
N VAL A 35 -22.99 1.82 1.79
CA VAL A 35 -24.36 2.00 2.25
C VAL A 35 -24.47 1.52 3.70
N VAL A 36 -25.60 0.92 4.09
CA VAL A 36 -25.74 0.26 5.38
C VAL A 36 -24.99 -1.06 5.31
N VAL A 37 -23.96 -1.09 4.45
CA VAL A 37 -22.82 -1.97 4.66
C VAL A 37 -22.06 -1.55 5.91
N TYR A 38 -21.76 -0.26 6.02
CA TYR A 38 -21.09 0.29 7.19
C TYR A 38 -22.14 0.71 8.22
N GLU A 39 -22.13 0.07 9.39
CA GLU A 39 -23.17 0.33 10.37
C GLU A 39 -22.68 0.40 11.82
N ASP A 40 -21.57 -0.23 12.18
CA ASP A 40 -20.89 -0.05 13.47
C ASP A 40 -19.62 -0.90 13.49
N ASP A 41 -19.25 -1.46 14.64
CA ASP A 41 -18.09 -2.33 14.81
C ASP A 41 -16.96 -2.09 13.81
N GLU A 42 -17.14 -2.53 12.56
CA GLU A 42 -16.19 -2.23 11.50
C GLU A 42 -15.91 -0.73 11.44
N LEU A 43 -16.91 0.07 11.83
CA LEU A 43 -16.71 1.51 11.98
C LEU A 43 -15.74 1.81 13.11
N ARG A 44 -15.88 1.11 14.24
CA ARG A 44 -14.96 1.30 15.37
C ARG A 44 -13.52 1.04 14.97
N LEU A 45 -13.27 -0.12 14.37
CA LEU A 45 -11.90 -0.44 14.02
C LEU A 45 -11.37 0.58 13.03
N ARG A 46 -12.23 1.04 12.11
CA ARG A 46 -11.85 2.10 11.19
C ARG A 46 -11.69 3.44 11.92
N LYS A 47 -12.51 3.68 12.93
CA LYS A 47 -12.40 4.94 13.64
C LYS A 47 -11.16 4.94 14.52
N GLU A 48 -10.81 3.79 15.08
CA GLU A 48 -9.60 3.66 15.87
C GLU A 48 -8.36 3.84 15.01
N LEU A 49 -8.35 3.19 13.83
CA LEU A 49 -7.22 3.37 12.93
C LEU A 49 -7.12 4.81 12.44
N LYS A 50 -8.26 5.47 12.19
CA LYS A 50 -8.22 6.86 11.77
C LYS A 50 -7.56 7.73 12.83
N GLU A 51 -7.94 7.53 14.11
CA GLU A 51 -7.32 8.34 15.16
C GLU A 51 -5.84 8.02 15.30
N LYS A 52 -5.48 6.74 15.15
CA LYS A 52 -4.06 6.38 15.17
C LYS A 52 -3.34 7.04 13.99
N LEU A 53 -4.01 7.10 12.84
CA LEU A 53 -3.34 7.56 11.65
C LEU A 53 -3.14 9.07 11.69
N GLU A 54 -4.05 9.80 12.36
CA GLU A 54 -3.88 11.23 12.54
C GLU A 54 -2.57 11.59 13.21
N LYS A 55 -2.03 10.69 14.03
CA LYS A 55 -0.78 10.99 14.73
C LYS A 55 0.44 10.89 13.82
N TYR A 56 0.30 10.33 12.62
CA TYR A 56 1.41 10.18 11.69
C TYR A 56 1.51 11.32 10.71
N PHE A 57 0.46 12.12 10.58
CA PHE A 57 0.41 13.13 9.56
C PHE A 57 0.15 14.48 10.21
N ILE A 58 0.79 15.51 9.69
CA ILE A 58 0.35 16.87 9.90
C ILE A 58 0.16 17.43 8.50
N PHE A 59 -1.08 17.46 8.04
CA PHE A 59 -1.36 17.95 6.69
C PHE A 59 -1.10 19.46 6.62
N PRO A 60 -0.72 19.97 5.44
CA PRO A 60 -0.41 21.39 5.34
C PRO A 60 -1.59 22.24 5.72
N PRO A 61 -1.36 23.44 6.27
CA PRO A 61 -2.45 24.17 6.92
C PRO A 61 -3.44 24.82 5.96
N CYS A 62 -3.23 24.68 4.65
CA CYS A 62 -4.15 25.11 3.59
C CYS A 62 -5.27 24.11 3.34
N VAL A 63 -5.29 22.99 4.08
CA VAL A 63 -6.27 21.92 3.93
C VAL A 63 -7.20 21.95 5.13
N PHE A 64 -8.51 22.00 4.88
CA PHE A 64 -9.42 22.29 5.97
C PHE A 64 -10.48 21.23 6.21
N SER A 65 -10.46 20.12 5.46
CA SER A 65 -11.49 19.11 5.63
C SER A 65 -10.95 17.91 6.41
N PHE A 66 -11.78 17.38 7.32
CA PHE A 66 -11.55 16.11 8.00
C PHE A 66 -10.37 16.15 8.98
N ILE A 67 -10.04 17.33 9.49
CA ILE A 67 -8.87 17.52 10.35
C ILE A 67 -9.30 18.23 11.63
N LYS A 68 -8.95 17.66 12.80
CA LYS A 68 -9.33 18.33 14.04
C LYS A 68 -8.70 19.71 14.11
N GLY A 69 -9.49 20.68 14.57
CA GLY A 69 -9.01 22.04 14.71
C GLY A 69 -9.11 22.90 13.46
N ARG A 70 -9.69 22.39 12.39
CA ARG A 70 -9.82 23.15 11.15
C ARG A 70 -11.25 23.01 10.67
N SER A 71 -11.71 23.97 9.88
CA SER A 71 -13.07 23.88 9.40
C SER A 71 -13.20 24.64 8.09
N ALA A 72 -14.34 24.42 7.42
CA ALA A 72 -14.59 25.19 6.21
C ALA A 72 -14.62 26.68 6.52
N LYS A 73 -15.13 27.07 7.70
CA LYS A 73 -15.18 28.48 8.04
CA LYS A 73 -15.19 28.49 8.02
C LYS A 73 -13.80 29.11 7.98
N ASP A 74 -12.76 28.38 8.41
CA ASP A 74 -11.41 28.93 8.36
C ASP A 74 -10.98 29.19 6.92
N ALA A 75 -11.25 28.23 6.03
CA ALA A 75 -10.90 28.40 4.62
C ALA A 75 -11.58 29.62 4.02
N ILE A 76 -12.82 29.86 4.42
CA ILE A 76 -13.54 31.00 3.87
C ILE A 76 -12.91 32.29 4.36
N ILE A 77 -12.50 32.33 5.63
CA ILE A 77 -11.86 33.54 6.14
C ILE A 77 -10.56 33.81 5.40
N LEU A 78 -9.75 32.77 5.19
CA LEU A 78 -8.51 32.97 4.44
C LEU A 78 -8.79 33.39 3.02
N ALA A 79 -9.80 32.80 2.37
CA ALA A 79 -10.11 33.17 0.99
C ALA A 79 -10.49 34.64 0.90
N LYS A 80 -11.26 35.13 1.88
CA LYS A 80 -11.69 36.53 1.90
CA LYS A 80 -11.69 36.53 1.89
C LYS A 80 -10.52 37.49 2.08
N GLU A 81 -9.43 37.00 2.71
CA GLU A 81 -8.21 37.79 2.83
C GLU A 81 -7.35 37.70 1.58
N TYR A 82 -7.18 36.49 1.05
CA TYR A 82 -6.25 36.30 -0.06
C TYR A 82 -6.76 36.90 -1.36
N ILE A 83 -8.06 36.99 -1.53
CA ILE A 83 -8.59 37.50 -2.79
C ILE A 83 -8.16 38.94 -3.04
N ASN A 84 -7.82 39.68 -1.99
CA ASN A 84 -7.41 41.06 -2.14
C ASN A 84 -5.96 41.19 -2.53
N GLN A 85 -5.22 40.10 -2.57
CA GLN A 85 -3.77 40.14 -2.61
C GLN A 85 -3.17 39.59 -3.90
N TYR A 86 -3.98 39.13 -4.85
CA TYR A 86 -3.48 38.49 -6.06
C TYR A 86 -4.24 38.95 -7.31
N ASP A 87 -3.56 38.87 -8.46
CA ASP A 87 -4.21 39.34 -9.69
C ASP A 87 -5.21 38.36 -10.26
N TYR A 88 -5.11 37.07 -9.94
CA TYR A 88 -5.99 36.08 -10.51
C TYR A 88 -6.39 35.08 -9.44
N PHE A 89 -7.54 34.46 -9.65
CA PHE A 89 -7.92 33.32 -8.83
C PHE A 89 -8.53 32.28 -9.73
N PHE A 90 -8.41 31.03 -9.31
CA PHE A 90 -8.93 29.89 -10.06
C PHE A 90 -9.60 28.98 -9.05
N LYS A 91 -10.91 28.80 -9.18
CA LYS A 91 -11.70 27.94 -8.30
C LYS A 91 -12.11 26.71 -9.08
N CYS A 92 -11.93 25.53 -8.49
CA CYS A 92 -12.21 24.32 -9.23
C CYS A 92 -12.57 23.22 -8.24
N ASP A 93 -12.99 22.08 -8.78
CA ASP A 93 -13.27 20.98 -7.88
C ASP A 93 -12.96 19.69 -8.59
N ILE A 94 -12.39 18.75 -7.83
CA ILE A 94 -12.09 17.42 -8.35
C ILE A 94 -13.38 16.67 -8.66
N LYS A 95 -13.44 16.05 -9.84
CA LYS A 95 -14.58 15.24 -10.25
C LYS A 95 -14.47 13.84 -9.65
N ASP A 96 -15.54 13.37 -9.03
CA ASP A 96 -15.63 12.01 -8.48
C ASP A 96 -14.35 11.67 -7.71
N PHE A 97 -14.04 12.50 -6.72
CA PHE A 97 -12.78 12.42 -5.99
C PHE A 97 -12.58 11.06 -5.32
N PHE A 98 -13.41 10.71 -4.34
CA PHE A 98 -13.21 9.46 -3.62
C PHE A 98 -13.23 8.23 -4.54
N PRO A 99 -14.18 8.08 -5.48
CA PRO A 99 -14.11 6.91 -6.37
C PRO A 99 -12.87 6.89 -7.25
N SER A 100 -12.17 8.00 -7.39
CA SER A 100 -11.08 8.12 -8.34
C SER A 100 -9.72 7.84 -7.72
N ILE A 101 -9.68 7.65 -6.40
CA ILE A 101 -8.42 7.45 -5.69
C ILE A 101 -7.80 6.13 -6.11
N ASN A 102 -6.56 6.19 -6.60
CA ASN A 102 -5.83 4.99 -6.99
C ASN A 102 -5.23 4.28 -5.76
N ILE A 103 -5.64 3.02 -5.54
CA ILE A 103 -5.25 2.32 -4.31
C ILE A 103 -3.74 2.07 -4.29
N GLU A 104 -3.17 1.66 -5.42
CA GLU A 104 -1.74 1.40 -5.43
C GLU A 104 -0.96 2.66 -5.11
N LYS A 105 -1.36 3.81 -5.68
CA LYS A 105 -0.68 5.04 -5.34
CA LYS A 105 -0.71 5.07 -5.35
C LYS A 105 -0.91 5.42 -3.88
N LEU A 106 -2.13 5.21 -3.37
CA LEU A 106 -2.40 5.54 -1.98
C LEU A 106 -1.55 4.70 -1.04
N LEU A 107 -1.41 3.41 -1.32
CA LEU A 107 -0.62 2.55 -0.43
C LEU A 107 0.87 2.88 -0.50
N ASN A 108 1.36 3.34 -1.66
CA ASN A 108 2.74 3.81 -1.74
C ASN A 108 2.96 5.07 -0.92
N LEU A 109 1.97 5.97 -0.87
CA LEU A 109 2.09 7.19 -0.08
C LEU A 109 2.04 6.89 1.41
N LEU A 110 1.17 5.96 1.81
CA LEU A 110 1.07 5.57 3.22
C LEU A 110 2.38 5.00 3.74
N ARG A 111 2.99 4.09 2.98
CA ARG A 111 4.16 3.38 3.48
C ARG A 111 5.36 4.28 3.67
N LYS A 112 5.39 5.45 3.03
CA LYS A 112 6.49 6.38 3.27
C LYS A 112 6.42 7.00 4.67
N ARG A 113 5.23 7.07 5.28
CA ARG A 113 5.10 7.69 6.59
CA ARG A 113 5.10 7.68 6.60
C ARG A 113 4.71 6.72 7.70
N VAL A 114 3.94 5.68 7.39
CA VAL A 114 3.53 4.73 8.41
C VAL A 114 4.59 3.63 8.40
N ASN A 115 5.72 3.93 9.05
N ASN A 115 5.72 3.92 9.04
CA ASN A 115 6.83 3.00 9.18
CA ASN A 115 6.82 2.96 9.14
C ASN A 115 6.69 2.04 10.35
C ASN A 115 6.70 2.08 10.37
N ASP A 116 5.49 1.91 10.89
CA ASP A 116 5.16 0.89 11.88
C ASP A 116 4.51 -0.24 11.09
N VAL A 117 5.24 -1.34 10.88
CA VAL A 117 4.77 -2.37 9.95
C VAL A 117 3.47 -2.99 10.41
N LYS A 118 3.26 -3.11 11.72
CA LYS A 118 2.02 -3.70 12.20
C LYS A 118 0.84 -2.80 11.90
N PHE A 119 1.01 -1.49 12.12
CA PHE A 119 -0.04 -0.53 11.81
C PHE A 119 -0.25 -0.40 10.30
N PHE A 120 0.83 -0.41 9.52
CA PHE A 120 0.67 -0.38 8.06
C PHE A 120 -0.08 -1.60 7.56
N LYS A 121 0.26 -2.79 8.09
CA LYS A 121 -0.43 -4.01 7.66
C LYS A 121 -1.94 -3.91 7.91
N GLU A 122 -2.35 -3.48 9.11
CA GLU A 122 -3.77 -3.34 9.42
C GLU A 122 -4.45 -2.34 8.50
N LEU A 123 -3.80 -1.20 8.28
CA LEU A 123 -4.35 -0.18 7.38
C LEU A 123 -4.52 -0.74 5.96
N GLU A 124 -3.49 -1.41 5.45
CA GLU A 124 -3.55 -1.94 4.09
C GLU A 124 -4.69 -2.94 3.95
N LYS A 125 -4.85 -3.83 4.93
CA LYS A 125 -5.93 -4.81 4.87
C LYS A 125 -7.29 -4.12 4.81
N LEU A 126 -7.50 -3.09 5.62
CA LEU A 126 -8.79 -2.41 5.61
C LEU A 126 -9.01 -1.63 4.33
N ILE A 127 -7.96 -0.98 3.83
CA ILE A 127 -8.11 -0.22 2.59
C ILE A 127 -8.50 -1.14 1.44
N ILE A 128 -7.88 -2.33 1.38
CA ILE A 128 -8.20 -3.28 0.33
C ILE A 128 -9.63 -3.80 0.50
N GLU A 129 -10.06 -4.02 1.75
CA GLU A 129 -11.45 -4.41 2.01
C GLU A 129 -12.41 -3.29 1.60
N ASP A 130 -12.10 -2.05 1.98
CA ASP A 130 -12.95 -0.92 1.62
C ASP A 130 -13.03 -0.74 0.11
N ASN A 131 -11.89 -0.89 -0.57
CA ASN A 131 -11.87 -0.78 -2.03
C ASN A 131 -12.73 -1.85 -2.68
N LYS A 132 -12.71 -3.07 -2.14
CA LYS A 132 -13.57 -4.11 -2.69
C LYS A 132 -15.04 -3.75 -2.52
N ILE A 133 -15.40 -3.20 -1.35
CA ILE A 133 -16.77 -2.77 -1.10
C ILE A 133 -17.16 -1.65 -2.05
N ALA A 134 -16.20 -0.81 -2.41
CA ALA A 134 -16.42 0.24 -3.41
C ALA A 134 -16.40 -0.30 -4.83
N ASP A 135 -16.47 -1.63 -5.01
CA ASP A 135 -16.37 -2.26 -6.34
C ASP A 135 -15.10 -1.81 -7.07
N PHE A 136 -14.01 -1.69 -6.31
CA PHE A 136 -12.67 -1.38 -6.78
C PHE A 136 -12.56 0.04 -7.34
N LYS A 137 -13.55 0.89 -7.07
CA LYS A 137 -13.53 2.28 -7.50
C LYS A 137 -13.16 3.15 -6.29
N GLY A 138 -11.86 3.26 -6.06
CA GLY A 138 -11.38 4.19 -5.06
C GLY A 138 -11.83 3.82 -3.65
N LEU A 139 -12.23 4.83 -2.89
CA LEU A 139 -12.57 4.66 -1.48
C LEU A 139 -14.06 4.91 -1.24
N PRO A 140 -14.72 4.09 -0.42
CA PRO A 140 -16.16 4.28 -0.18
C PRO A 140 -16.42 5.45 0.76
N LEU A 141 -17.51 6.19 0.48
CA LEU A 141 -17.83 7.36 1.30
C LEU A 141 -18.25 6.99 2.72
N GLY A 142 -18.68 5.76 2.96
CA GLY A 142 -19.14 5.37 4.27
C GLY A 142 -18.08 4.88 5.21
N SER A 143 -16.87 4.77 4.77
CA SER A 143 -15.84 4.31 5.66
C SER A 143 -15.24 5.46 6.45
N PRO A 144 -15.12 5.34 7.77
CA PRO A 144 -14.45 6.39 8.54
C PRO A 144 -13.02 6.64 8.12
N LEU A 145 -12.37 5.69 7.45
CA LEU A 145 -11.00 5.93 7.00
C LEU A 145 -10.91 6.76 5.75
N SER A 146 -11.93 6.75 4.90
CA SER A 146 -11.79 7.40 3.60
C SER A 146 -11.41 8.86 3.70
N PRO A 147 -12.07 9.69 4.51
CA PRO A 147 -11.69 11.12 4.53
C PRO A 147 -10.23 11.36 4.85
N ILE A 148 -9.69 10.78 5.92
CA ILE A 148 -8.28 11.06 6.20
C ILE A 148 -7.39 10.49 5.11
N LEU A 149 -7.76 9.35 4.52
CA LEU A 149 -6.96 8.81 3.43
C LEU A 149 -6.97 9.72 2.21
N SER A 150 -8.06 10.47 2.00
CA SER A 150 -8.06 11.41 0.89
C SER A 150 -7.05 12.53 1.11
N ASN A 151 -6.81 12.91 2.36
CA ASN A 151 -5.79 13.90 2.68
C ASN A 151 -4.39 13.33 2.50
N VAL A 152 -4.18 12.07 2.90
CA VAL A 152 -2.92 11.39 2.58
C VAL A 152 -2.68 11.41 1.08
N TYR A 153 -3.73 11.13 0.31
CA TYR A 153 -3.58 10.98 -1.13
C TYR A 153 -3.14 12.28 -1.78
N LEU A 154 -3.65 13.41 -1.30
CA LEU A 154 -3.34 14.70 -1.89
C LEU A 154 -2.24 15.44 -1.15
N GLU A 155 -1.63 14.83 -0.14
CA GLU A 155 -0.65 15.56 0.67
C GLU A 155 0.47 16.15 -0.17
N GLU A 156 1.06 15.36 -1.08
CA GLU A 156 2.17 15.94 -1.85
C GLU A 156 1.66 17.01 -2.82
N PHE A 157 0.50 16.78 -3.42
CA PHE A 157 -0.14 17.82 -4.23
C PHE A 157 -0.35 19.09 -3.42
N ASP A 158 -0.93 18.96 -2.22
CA ASP A 158 -1.22 20.11 -1.38
C ASP A 158 0.05 20.86 -1.02
N ASN A 159 1.08 20.13 -0.60
CA ASN A 159 2.33 20.80 -0.22
C ASN A 159 2.98 21.48 -1.40
N TYR A 160 2.84 20.91 -2.59
CA TYR A 160 3.45 21.51 -3.76
C TYR A 160 2.92 22.92 -3.99
N PHE A 161 1.60 23.09 -3.88
CA PHE A 161 1.03 24.41 -4.07
C PHE A 161 1.11 25.26 -2.82
N TYR A 162 1.03 24.64 -1.64
CA TYR A 162 1.16 25.38 -0.39
C TYR A 162 2.53 26.06 -0.28
N LYS A 163 3.61 25.33 -0.52
CA LYS A 163 4.94 25.86 -0.28
C LYS A 163 5.40 26.85 -1.34
N ASN A 164 4.68 26.97 -2.43
CA ASN A 164 4.98 27.98 -3.42
C ASN A 164 4.73 29.37 -2.83
N LYS A 165 5.77 30.19 -2.73
CA LYS A 165 5.65 31.49 -2.08
C LYS A 165 4.92 32.51 -2.94
N LYS A 166 4.70 32.23 -4.23
CA LYS A 166 4.14 33.19 -5.16
CA LYS A 166 4.13 33.22 -5.14
C LYS A 166 2.63 33.10 -5.29
N ILE A 167 2.00 32.14 -4.61
CA ILE A 167 0.58 31.85 -4.75
C ILE A 167 0.01 31.56 -3.36
N ARG A 168 -1.32 31.50 -3.30
CA ARG A 168 -2.02 30.94 -2.17
C ARG A 168 -3.00 29.89 -2.69
N TYR A 169 -3.38 28.99 -1.81
CA TYR A 169 -4.11 27.80 -2.22
C TYR A 169 -4.88 27.33 -1.01
N LEU A 170 -6.15 26.95 -1.20
CA LEU A 170 -6.98 26.45 -0.11
C LEU A 170 -7.75 25.26 -0.65
N ARG A 171 -7.91 24.24 0.19
CA ARG A 171 -8.68 23.07 -0.22
C ARG A 171 -9.59 22.63 0.90
N PHE A 172 -10.83 22.29 0.54
CA PHE A 172 -11.75 21.62 1.44
C PHE A 172 -12.37 20.48 0.66
N CYS A 173 -11.95 19.26 1.00
CA CYS A 173 -12.36 18.04 0.30
C CYS A 173 -12.02 18.20 -1.17
N ASP A 174 -13.01 18.15 -2.05
CA ASP A 174 -12.74 18.23 -3.48
C ASP A 174 -12.72 19.66 -4.00
N ASP A 175 -13.01 20.65 -3.17
CA ASP A 175 -13.12 22.04 -3.61
C ASP A 175 -11.81 22.79 -3.35
N MET A 176 -11.27 23.46 -4.38
CA MET A 176 -9.99 24.17 -4.26
C MET A 176 -10.11 25.59 -4.80
N ILE A 177 -9.30 26.48 -4.27
CA ILE A 177 -9.14 27.79 -4.90
C ILE A 177 -7.69 28.19 -4.83
N PHE A 178 -7.18 28.76 -5.92
CA PHE A 178 -5.80 29.18 -6.08
C PHE A 178 -5.79 30.67 -6.38
N PHE A 179 -4.92 31.40 -5.70
CA PHE A 179 -4.75 32.84 -5.91
C PHE A 179 -3.33 33.04 -6.43
N SER A 180 -3.19 33.71 -7.57
N SER A 180 -3.18 33.73 -7.55
CA SER A 180 -1.87 33.80 -8.18
CA SER A 180 -1.86 33.83 -8.14
C SER A 180 -1.79 35.08 -9.01
C SER A 180 -1.78 35.11 -8.96
N ASN A 181 -0.56 35.44 -9.38
CA ASN A 181 -0.35 36.57 -10.28
C ASN A 181 -0.05 36.13 -11.68
N ALA A 182 0.00 34.83 -11.89
CA ALA A 182 0.19 34.19 -13.17
C ALA A 182 -0.78 33.03 -13.19
N ASN A 183 -1.38 32.76 -14.33
CA ASN A 183 -2.38 31.70 -14.35
C ASN A 183 -1.68 30.35 -14.38
N ILE A 184 -2.18 29.43 -13.54
CA ILE A 184 -1.50 28.16 -13.25
C ILE A 184 -2.46 26.99 -13.42
N TYR A 185 -3.65 27.22 -13.98
CA TYR A 185 -4.62 26.13 -14.02
C TYR A 185 -4.14 24.98 -14.90
N ASP A 186 -3.32 25.26 -15.90
CA ASP A 186 -2.76 24.17 -16.70
C ASP A 186 -1.85 23.28 -15.86
N GLU A 187 -1.05 23.89 -14.97
CA GLU A 187 -0.23 23.11 -14.04
C GLU A 187 -1.07 22.35 -13.02
N ILE A 188 -2.18 22.95 -12.56
CA ILE A 188 -3.07 22.25 -11.64
C ILE A 188 -3.64 21.00 -12.30
N ILE A 189 -4.18 21.17 -13.51
CA ILE A 189 -4.79 20.05 -14.22
C ILE A 189 -3.77 18.93 -14.42
N ASN A 190 -2.53 19.30 -14.73
CA ASN A 190 -1.50 18.27 -14.96
C ASN A 190 -1.12 17.55 -13.67
N LYS A 191 -0.94 18.30 -12.57
CA LYS A 191 -0.57 17.64 -11.31
C LYS A 191 -1.69 16.71 -10.83
N LEU A 192 -2.93 17.08 -11.11
CA LEU A 192 -4.06 16.22 -10.78
C LEU A 192 -4.02 14.95 -11.62
N LYS A 193 -3.70 15.09 -12.91
CA LYS A 193 -3.61 13.92 -13.80
C LYS A 193 -2.59 12.92 -13.31
N GLU A 194 -1.51 13.39 -12.69
CA GLU A 194 -0.51 12.49 -12.12
C GLU A 194 -1.08 11.61 -11.03
N LEU A 195 -2.20 12.02 -10.43
CA LEU A 195 -2.86 11.25 -9.38
C LEU A 195 -4.10 10.53 -9.89
N GLY A 196 -4.35 10.55 -11.19
CA GLY A 196 -5.55 9.92 -11.73
C GLY A 196 -6.79 10.78 -11.61
N LEU A 197 -6.64 12.07 -11.34
CA LEU A 197 -7.74 12.93 -10.97
C LEU A 197 -8.05 13.95 -12.08
N ASN A 198 -9.32 14.37 -12.11
CA ASN A 198 -9.82 15.32 -13.10
C ASN A 198 -10.67 16.38 -12.41
N LEU A 199 -10.78 17.53 -13.06
CA LEU A 199 -11.65 18.61 -12.59
C LEU A 199 -13.06 18.45 -13.15
N ASN A 200 -14.04 18.96 -12.41
CA ASN A 200 -15.40 19.13 -12.92
C ASN A 200 -15.46 20.40 -13.77
N GLU A 201 -15.32 20.23 -15.09
CA GLU A 201 -15.16 21.37 -15.99
C GLU A 201 -16.33 22.36 -15.89
N THR A 202 -17.48 21.92 -15.39
CA THR A 202 -18.64 22.80 -15.32
C THR A 202 -18.52 23.79 -14.16
N LYS A 203 -17.79 23.45 -13.11
CA LYS A 203 -17.76 24.25 -11.90
C LYS A 203 -16.49 25.09 -11.79
N THR A 204 -15.72 25.15 -12.87
CA THR A 204 -14.44 25.87 -12.86
C THR A 204 -14.68 27.36 -13.08
N ILE A 205 -14.00 28.20 -12.30
CA ILE A 205 -14.18 29.65 -12.33
C ILE A 205 -12.80 30.29 -12.37
N LEU A 206 -12.55 31.16 -13.36
CA LEU A 206 -11.36 32.00 -13.37
C LEU A 206 -11.80 33.42 -13.06
N GLY A 207 -10.99 34.14 -12.32
CA GLY A 207 -11.29 35.54 -12.06
C GLY A 207 -10.04 36.37 -12.09
N ALA A 208 -10.23 37.64 -12.41
CA ALA A 208 -9.17 38.65 -12.28
C ALA A 208 -9.46 39.51 -11.06
N LYS A 209 -8.40 40.10 -10.50
CA LYS A 209 -8.53 40.98 -9.33
C LYS A 209 -9.69 41.95 -9.50
N GLY A 210 -10.57 41.98 -8.51
CA GLY A 210 -11.80 42.75 -8.56
C GLY A 210 -13.01 41.88 -8.69
N ASP A 211 -12.85 40.67 -9.22
CA ASP A 211 -13.97 39.77 -9.38
C ASP A 211 -14.28 39.05 -8.08
N SER A 212 -15.53 38.67 -7.95
CA SER A 212 -15.99 37.87 -6.83
C SER A 212 -16.00 36.40 -7.24
N VAL A 213 -16.05 35.53 -6.24
CA VAL A 213 -16.07 34.09 -6.48
C VAL A 213 -16.93 33.44 -5.42
N LYS A 214 -17.62 32.37 -5.79
CA LYS A 214 -18.32 31.54 -4.84
C LYS A 214 -17.39 30.39 -4.43
N PHE A 215 -17.15 30.27 -3.12
CA PHE A 215 -16.24 29.25 -2.63
C PHE A 215 -16.86 28.62 -1.39
N LEU A 216 -17.08 27.31 -1.44
CA LEU A 216 -17.75 26.58 -0.37
C LEU A 216 -19.13 27.17 -0.07
N GLY A 217 -19.80 27.64 -1.11
CA GLY A 217 -21.13 28.19 -0.98
C GLY A 217 -21.21 29.66 -0.61
N ILE A 218 -20.08 30.31 -0.34
CA ILE A 218 -20.03 31.70 0.12
C ILE A 218 -19.53 32.57 -1.02
N ILE A 219 -20.17 33.71 -1.24
CA ILE A 219 -19.65 34.67 -2.20
C ILE A 219 -18.54 35.46 -1.52
N ILE A 220 -17.36 35.44 -2.13
CA ILE A 220 -16.21 36.16 -1.63
C ILE A 220 -15.93 37.32 -2.56
N ASN A 221 -15.95 38.54 -2.00
CA ASN A 221 -15.83 39.77 -2.77
C ASN A 221 -14.45 40.38 -2.57
N PHE A 222 -13.97 41.02 -3.64
CA PHE A 222 -12.78 41.86 -3.57
C PHE A 222 -13.09 43.08 -2.71
N LYS A 223 -12.19 43.36 -1.77
CA LYS A 223 -12.35 44.41 -0.75
C LYS A 223 -13.58 44.19 0.13
N PHE B 32 15.60 18.40 -4.99
CA PHE B 32 15.00 19.11 -3.88
C PHE B 32 15.47 18.51 -2.55
N ARG B 33 16.65 17.89 -2.58
CA ARG B 33 17.22 17.27 -1.38
C ARG B 33 17.46 18.33 -0.31
N GLU B 34 17.25 17.95 0.95
CA GLU B 34 17.25 18.90 2.07
C GLU B 34 18.28 18.48 3.12
N VAL B 35 19.47 19.09 3.08
CA VAL B 35 20.43 19.00 4.17
C VAL B 35 20.22 20.22 5.07
N VAL B 36 20.63 20.10 6.33
CA VAL B 36 20.21 21.05 7.37
C VAL B 36 21.35 21.97 7.76
N VAL B 37 21.00 23.22 8.07
CA VAL B 37 21.93 24.19 8.62
C VAL B 37 22.07 23.96 10.13
N TYR B 38 23.31 23.76 10.58
CA TYR B 38 23.60 23.57 12.00
C TYR B 38 24.75 24.49 12.39
N GLU B 39 24.62 25.14 13.54
CA GLU B 39 25.72 25.93 14.08
CA GLU B 39 25.72 25.93 14.06
C GLU B 39 26.84 25.01 14.56
N ASP B 40 28.05 25.57 14.65
CA ASP B 40 29.19 24.73 15.01
C ASP B 40 29.03 24.11 16.39
N ASP B 41 28.41 24.82 17.34
CA ASP B 41 28.19 24.23 18.65
C ASP B 41 27.19 23.09 18.60
N GLU B 42 26.14 23.21 17.79
CA GLU B 42 25.19 22.10 17.63
C GLU B 42 25.85 20.91 16.97
N LEU B 43 26.73 21.15 16.00
CA LEU B 43 27.45 20.05 15.37
C LEU B 43 28.39 19.38 16.37
N ARG B 44 29.09 20.18 17.18
CA ARG B 44 30.00 19.62 18.17
C ARG B 44 29.27 18.71 19.14
N LEU B 45 28.11 19.16 19.63
CA LEU B 45 27.30 18.33 20.52
C LEU B 45 26.96 16.99 19.88
N ARG B 46 26.49 17.02 18.63
CA ARG B 46 26.10 15.78 17.96
C ARG B 46 27.30 14.88 17.69
N LYS B 47 28.45 15.46 17.34
CA LYS B 47 29.67 14.65 17.22
CA LYS B 47 29.66 14.66 17.21
C LYS B 47 30.06 14.03 18.55
N GLU B 48 29.97 14.79 19.64
CA GLU B 48 30.30 14.23 20.95
C GLU B 48 29.42 13.05 21.30
N LEU B 49 28.10 13.15 21.07
CA LEU B 49 27.23 12.03 21.42
C LEU B 49 27.47 10.85 20.50
N LYS B 50 27.73 11.13 19.21
CA LYS B 50 28.11 10.07 18.28
C LYS B 50 29.31 9.28 18.79
N GLU B 51 30.38 9.98 19.15
CA GLU B 51 31.57 9.30 19.67
C GLU B 51 31.27 8.51 20.93
N LYS B 52 30.44 9.03 21.83
CA LYS B 52 30.05 8.22 22.98
C LYS B 52 29.21 7.01 22.54
N LEU B 53 28.32 7.20 21.57
CA LEU B 53 27.49 6.08 21.15
C LEU B 53 28.30 4.99 20.46
N GLU B 54 29.39 5.37 19.77
CA GLU B 54 30.21 4.39 19.06
C GLU B 54 30.75 3.32 20.01
N LYS B 55 30.91 3.65 21.28
CA LYS B 55 31.45 2.68 22.23
C LYS B 55 30.46 1.58 22.57
N TYR B 56 29.19 1.73 22.22
CA TYR B 56 28.17 0.73 22.52
C TYR B 56 27.91 -0.25 21.38
N PHE B 57 28.49 -0.01 20.21
CA PHE B 57 28.12 -0.80 19.04
C PHE B 57 29.36 -1.24 18.29
N ILE B 58 29.32 -2.45 17.76
CA ILE B 58 30.26 -2.90 16.76
C ILE B 58 29.39 -3.49 15.67
N PHE B 59 29.18 -2.74 14.61
CA PHE B 59 28.30 -3.17 13.54
C PHE B 59 28.97 -4.27 12.72
N PRO B 60 28.19 -5.14 12.08
CA PRO B 60 28.77 -6.27 11.39
C PRO B 60 29.68 -5.79 10.26
N PRO B 61 30.67 -6.61 9.90
CA PRO B 61 31.73 -6.16 8.98
C PRO B 61 31.26 -5.95 7.54
N CYS B 62 30.02 -6.32 7.21
CA CYS B 62 29.43 -6.12 5.88
C CYS B 62 28.96 -4.69 5.67
N VAL B 63 29.04 -3.83 6.69
CA VAL B 63 28.58 -2.44 6.64
C VAL B 63 29.77 -1.51 6.54
N PHE B 64 29.79 -0.64 5.52
CA PHE B 64 30.98 0.15 5.27
C PHE B 64 30.79 1.65 5.34
N SER B 65 29.61 2.13 5.71
CA SER B 65 29.34 3.56 5.79
C SER B 65 29.34 4.03 7.24
N PHE B 66 29.99 5.18 7.49
CA PHE B 66 29.92 5.93 8.74
C PHE B 66 30.61 5.23 9.90
N ILE B 67 31.59 4.38 9.64
CA ILE B 67 32.26 3.58 10.67
C ILE B 67 33.78 3.79 10.57
N LYS B 68 34.39 4.18 11.68
CA LYS B 68 35.84 4.36 11.68
C LYS B 68 36.54 3.08 11.26
N GLY B 69 37.53 3.23 10.36
CA GLY B 69 38.28 2.11 9.85
C GLY B 69 37.65 1.39 8.68
N ARG B 70 36.51 1.86 8.17
CA ARG B 70 35.87 1.22 7.02
C ARG B 70 35.61 2.26 5.95
N SER B 71 35.52 1.82 4.70
CA SER B 71 35.34 2.81 3.64
C SER B 71 34.60 2.19 2.47
N ALA B 72 34.01 3.07 1.65
CA ALA B 72 33.37 2.60 0.43
C ALA B 72 34.33 1.76 -0.40
N LYS B 73 35.61 2.14 -0.41
CA LYS B 73 36.59 1.38 -1.20
C LYS B 73 36.67 -0.06 -0.75
N ASP B 74 36.55 -0.31 0.57
CA ASP B 74 36.60 -1.69 1.05
C ASP B 74 35.43 -2.50 0.50
N ALA B 75 34.23 -1.91 0.48
CA ALA B 75 33.08 -2.63 -0.08
C ALA B 75 33.27 -2.94 -1.56
N ILE B 76 33.88 -2.02 -2.30
CA ILE B 76 34.12 -2.24 -3.73
C ILE B 76 35.07 -3.41 -3.93
N ILE B 77 36.14 -3.45 -3.12
CA ILE B 77 37.10 -4.54 -3.24
C ILE B 77 36.44 -5.88 -2.91
N LEU B 78 35.64 -5.93 -1.83
CA LEU B 78 34.97 -7.19 -1.51
C LEU B 78 33.97 -7.58 -2.60
N ALA B 79 33.21 -6.61 -3.12
CA ALA B 79 32.28 -6.93 -4.20
C ALA B 79 32.99 -7.56 -5.40
N LYS B 80 34.15 -7.00 -5.77
CA LYS B 80 34.92 -7.55 -6.89
C LYS B 80 35.44 -8.94 -6.60
N GLU B 81 35.65 -9.28 -5.33
CA GLU B 81 35.99 -10.66 -5.00
C GLU B 81 34.76 -11.57 -4.94
N TYR B 82 33.67 -11.10 -4.35
CA TYR B 82 32.52 -11.99 -4.16
C TYR B 82 31.80 -12.30 -5.46
N ILE B 83 31.85 -11.38 -6.43
CA ILE B 83 31.04 -11.57 -7.63
C ILE B 83 31.45 -12.84 -8.37
N ASN B 84 32.66 -13.31 -8.14
CA ASN B 84 33.17 -14.48 -8.85
C ASN B 84 32.75 -15.78 -8.20
N GLN B 85 32.13 -15.73 -7.02
CA GLN B 85 31.93 -16.93 -6.23
CA GLN B 85 31.92 -16.90 -6.19
C GLN B 85 30.46 -17.32 -6.06
N TYR B 86 29.54 -16.61 -6.71
CA TYR B 86 28.12 -16.90 -6.52
C TYR B 86 27.40 -16.88 -7.85
N ASP B 87 26.32 -17.66 -7.94
CA ASP B 87 25.59 -17.74 -9.20
C ASP B 87 24.70 -16.54 -9.46
N TYR B 88 24.28 -15.83 -8.42
CA TYR B 88 23.38 -14.69 -8.60
C TYR B 88 23.86 -13.51 -7.78
N PHE B 89 23.44 -12.32 -8.20
CA PHE B 89 23.61 -11.14 -7.37
C PHE B 89 22.38 -10.25 -7.54
N PHE B 90 22.14 -9.44 -6.51
CA PHE B 90 21.00 -8.53 -6.50
C PHE B 90 21.49 -7.24 -5.88
N LYS B 91 21.40 -6.16 -6.63
CA LYS B 91 21.83 -4.84 -6.18
C LYS B 91 20.59 -3.99 -6.00
N CYS B 92 20.46 -3.33 -4.86
CA CYS B 92 19.26 -2.53 -4.64
C CYS B 92 19.63 -1.35 -3.75
N ASP B 93 18.67 -0.46 -3.54
CA ASP B 93 18.90 0.60 -2.57
C ASP B 93 17.60 0.92 -1.85
N ILE B 94 17.74 1.26 -0.57
CA ILE B 94 16.60 1.70 0.23
C ILE B 94 16.11 3.04 -0.27
N LYS B 95 14.80 3.18 -0.42
CA LYS B 95 14.18 4.44 -0.81
C LYS B 95 14.06 5.38 0.39
N ASP B 96 14.53 6.62 0.22
CA ASP B 96 14.42 7.68 1.23
C ASP B 96 14.74 7.14 2.62
N PHE B 97 15.96 6.62 2.73
CA PHE B 97 16.36 5.85 3.91
C PHE B 97 16.24 6.68 5.20
N PHE B 98 17.02 7.76 5.33
CA PHE B 98 16.97 8.52 6.58
C PHE B 98 15.58 9.08 6.88
N PRO B 99 14.83 9.63 5.93
CA PRO B 99 13.45 10.06 6.22
C PRO B 99 12.53 8.94 6.70
N SER B 100 12.80 7.69 6.36
CA SER B 100 11.87 6.62 6.65
C SER B 100 12.12 5.95 8.00
N ILE B 101 13.18 6.32 8.71
CA ILE B 101 13.49 5.67 9.98
C ILE B 101 12.39 5.95 11.00
N ASN B 102 11.89 4.89 11.62
CA ASN B 102 10.85 5.03 12.63
C ASN B 102 11.51 5.37 13.97
N ILE B 103 11.17 6.55 14.51
CA ILE B 103 11.85 7.04 15.71
C ILE B 103 11.50 6.19 16.92
N GLU B 104 10.24 5.82 17.07
CA GLU B 104 9.85 5.03 18.24
C GLU B 104 10.66 3.74 18.30
N LYS B 105 10.78 3.06 17.15
CA LYS B 105 11.54 1.82 17.09
C LYS B 105 13.01 2.07 17.37
N LEU B 106 13.58 3.11 16.75
CA LEU B 106 14.98 3.44 16.97
C LEU B 106 15.26 3.67 18.46
N LEU B 107 14.40 4.44 19.11
CA LEU B 107 14.60 4.72 20.55
C LEU B 107 14.49 3.43 21.36
N ASN B 108 13.62 2.51 20.96
CA ASN B 108 13.52 1.23 21.65
C ASN B 108 14.82 0.44 21.52
N LEU B 109 15.39 0.41 20.33
CA LEU B 109 16.68 -0.25 20.12
C LEU B 109 17.75 0.36 21.02
N LEU B 110 17.77 1.69 21.12
CA LEU B 110 18.79 2.35 21.89
C LEU B 110 18.60 2.10 23.37
N ARG B 111 17.34 2.08 23.81
CA ARG B 111 17.05 1.89 25.22
C ARG B 111 17.56 0.53 25.70
N LYS B 112 17.52 -0.47 24.84
CA LYS B 112 17.98 -1.81 25.22
C LYS B 112 19.50 -1.93 25.22
N ARG B 113 20.20 -1.08 24.48
CA ARG B 113 21.66 -1.18 24.37
CA ARG B 113 21.66 -1.18 24.37
C ARG B 113 22.40 -0.22 25.28
N VAL B 114 21.87 0.99 25.49
CA VAL B 114 22.56 2.01 26.25
C VAL B 114 22.11 1.93 27.71
N ASN B 115 22.96 1.34 28.55
CA ASN B 115 22.63 1.11 29.95
C ASN B 115 22.83 2.34 30.81
N ASP B 116 23.70 3.26 30.39
CA ASP B 116 23.87 4.53 31.07
C ASP B 116 22.61 5.36 30.85
N VAL B 117 21.81 5.50 31.90
CA VAL B 117 20.49 6.12 31.75
C VAL B 117 20.61 7.61 31.41
N LYS B 118 21.62 8.29 31.97
CA LYS B 118 21.72 9.72 31.68
C LYS B 118 22.11 9.94 30.22
N PHE B 119 23.02 9.12 29.70
CA PHE B 119 23.40 9.23 28.29
C PHE B 119 22.24 8.86 27.38
N PHE B 120 21.47 7.83 27.73
CA PHE B 120 20.29 7.52 26.93
C PHE B 120 19.35 8.71 26.83
N LYS B 121 19.09 9.38 27.96
CA LYS B 121 18.13 10.47 27.94
C LYS B 121 18.67 11.66 27.16
N GLU B 122 20.00 11.87 27.16
CA GLU B 122 20.60 12.89 26.32
C GLU B 122 20.41 12.57 24.85
N LEU B 123 20.62 11.30 24.48
CA LEU B 123 20.46 10.86 23.10
C LEU B 123 19.02 10.99 22.65
N GLU B 124 18.09 10.55 23.50
CA GLU B 124 16.67 10.64 23.19
C GLU B 124 16.26 12.09 22.95
N LYS B 125 16.78 13.01 23.76
CA LYS B 125 16.39 14.40 23.61
C LYS B 125 16.91 14.95 22.28
N LEU B 126 18.15 14.60 21.92
CA LEU B 126 18.71 15.06 20.64
C LEU B 126 18.00 14.43 19.46
N ILE B 127 17.66 13.14 19.56
CA ILE B 127 16.97 12.48 18.46
C ILE B 127 15.60 13.11 18.22
N ILE B 128 14.90 13.46 19.29
CA ILE B 128 13.60 14.10 19.15
C ILE B 128 13.76 15.49 18.55
N GLU B 129 14.83 16.19 18.93
CA GLU B 129 15.11 17.50 18.34
C GLU B 129 15.50 17.37 16.87
N ASP B 130 16.34 16.40 16.56
CA ASP B 130 16.77 16.20 15.17
C ASP B 130 15.59 15.76 14.31
N ASN B 131 14.70 14.95 14.86
CA ASN B 131 13.50 14.54 14.12
C ASN B 131 12.59 15.74 13.84
N LYS B 132 12.41 16.63 14.83
CA LYS B 132 11.66 17.87 14.59
C LYS B 132 12.28 18.68 13.46
N ILE B 133 13.61 18.84 13.50
CA ILE B 133 14.34 19.51 12.43
C ILE B 133 14.06 18.87 11.08
N ALA B 134 13.95 17.54 11.06
CA ALA B 134 13.59 16.85 9.84
C ALA B 134 12.10 16.93 9.54
N ASP B 135 11.36 17.87 10.13
CA ASP B 135 9.92 17.98 9.92
C ASP B 135 9.18 16.69 10.30
N PHE B 136 9.73 15.96 11.26
CA PHE B 136 9.18 14.74 11.84
C PHE B 136 9.28 13.54 10.90
N LYS B 137 10.09 13.62 9.86
CA LYS B 137 10.30 12.50 8.94
CA LYS B 137 10.31 12.52 8.92
C LYS B 137 11.68 11.93 9.20
N GLY B 138 11.73 10.97 10.12
CA GLY B 138 12.97 10.26 10.36
C GLY B 138 14.07 11.17 10.88
N LEU B 139 15.27 10.95 10.35
CA LEU B 139 16.48 11.60 10.80
C LEU B 139 16.97 12.58 9.75
N PRO B 140 17.46 13.75 10.16
CA PRO B 140 17.94 14.73 9.18
C PRO B 140 19.29 14.36 8.62
N LEU B 141 19.43 14.57 7.32
CA LEU B 141 20.74 14.55 6.70
C LEU B 141 21.50 15.77 7.17
N GLY B 142 22.77 15.60 7.48
CA GLY B 142 23.56 16.70 7.97
C GLY B 142 23.72 16.74 9.47
N SER B 143 22.97 15.94 10.23
CA SER B 143 23.30 15.80 11.64
C SER B 143 24.39 14.76 11.77
N PRO B 144 25.49 15.08 12.47
CA PRO B 144 26.53 14.06 12.69
C PRO B 144 26.03 12.83 13.41
N LEU B 145 24.88 12.91 14.08
CA LEU B 145 24.33 11.76 14.79
C LEU B 145 23.55 10.82 13.88
N SER B 146 22.97 11.33 12.80
CA SER B 146 22.08 10.49 11.99
C SER B 146 22.77 9.27 11.41
N PRO B 147 23.98 9.36 10.85
CA PRO B 147 24.57 8.16 10.24
C PRO B 147 24.74 6.99 11.20
N ILE B 148 25.27 7.20 12.42
CA ILE B 148 25.43 6.05 13.30
C ILE B 148 24.07 5.49 13.67
N LEU B 149 23.08 6.37 13.84
CA LEU B 149 21.75 5.90 14.19
C LEU B 149 21.16 5.06 13.07
N SER B 150 21.51 5.37 11.82
CA SER B 150 21.03 4.53 10.73
C SER B 150 21.64 3.13 10.82
N ASN B 151 22.87 3.03 11.32
CA ASN B 151 23.48 1.71 11.49
C ASN B 151 22.88 0.96 12.68
N VAL B 152 22.54 1.68 13.76
CA VAL B 152 21.80 1.05 14.85
C VAL B 152 20.48 0.50 14.33
N TYR B 153 19.81 1.25 13.46
CA TYR B 153 18.49 0.85 12.99
C TYR B 153 18.55 -0.43 12.16
N LEU B 154 19.59 -0.57 11.33
CA LEU B 154 19.73 -1.70 10.43
C LEU B 154 20.54 -2.83 11.02
N GLU B 155 21.07 -2.68 12.25
CA GLU B 155 21.98 -3.70 12.77
C GLU B 155 21.39 -5.10 12.70
N GLU B 156 20.13 -5.27 13.14
CA GLU B 156 19.55 -6.62 13.14
C GLU B 156 19.37 -7.13 11.72
N PHE B 157 18.91 -6.26 10.83
CA PHE B 157 18.80 -6.63 9.42
C PHE B 157 20.17 -6.98 8.85
N ASP B 158 21.19 -6.16 9.15
CA ASP B 158 22.51 -6.45 8.61
C ASP B 158 23.03 -7.78 9.12
N ASN B 159 22.86 -8.06 10.41
CA ASN B 159 23.37 -9.32 10.95
C ASN B 159 22.64 -10.52 10.37
N TYR B 160 21.36 -10.35 10.06
CA TYR B 160 20.57 -11.44 9.51
C TYR B 160 21.16 -11.93 8.20
N PHE B 161 21.50 -11.00 7.31
CA PHE B 161 22.08 -11.40 6.04
C PHE B 161 23.58 -11.70 6.17
N TYR B 162 24.28 -11.00 7.05
CA TYR B 162 25.71 -11.23 7.22
C TYR B 162 25.99 -12.64 7.74
N LYS B 163 25.25 -13.08 8.75
CA LYS B 163 25.57 -14.34 9.38
C LYS B 163 25.11 -15.55 8.58
N ASN B 164 24.32 -15.34 7.52
CA ASN B 164 23.97 -16.42 6.60
C ASN B 164 25.21 -16.84 5.84
N LYS B 165 25.68 -18.06 6.10
CA LYS B 165 26.94 -18.52 5.53
C LYS B 165 26.83 -18.83 4.04
N LYS B 166 25.61 -18.95 3.50
CA LYS B 166 25.42 -19.32 2.11
CA LYS B 166 25.44 -19.33 2.10
C LYS B 166 25.40 -18.12 1.16
N ILE B 167 25.50 -16.91 1.67
CA ILE B 167 25.44 -15.71 0.87
C ILE B 167 26.53 -14.74 1.29
N ARG B 168 26.70 -13.70 0.50
CA ARG B 168 27.46 -12.53 0.92
C ARG B 168 26.59 -11.28 0.73
N TYR B 169 26.91 -10.25 1.49
CA TYR B 169 26.06 -9.08 1.57
C TYR B 169 26.95 -7.90 1.93
N LEU B 170 26.79 -6.78 1.24
CA LEU B 170 27.54 -5.56 1.49
C LEU B 170 26.58 -4.39 1.51
N ARG B 171 26.73 -3.50 2.48
CA ARG B 171 25.88 -2.30 2.51
C ARG B 171 26.76 -1.07 2.69
N PHE B 172 26.46 -0.03 1.93
CA PHE B 172 27.05 1.29 2.15
C PHE B 172 25.91 2.29 2.14
N CYS B 173 25.55 2.78 3.33
CA CYS B 173 24.37 3.63 3.57
C CYS B 173 23.14 2.94 2.97
N ASP B 174 22.50 3.52 1.94
CA ASP B 174 21.28 2.91 1.44
C ASP B 174 21.53 1.87 0.36
N ASP B 175 22.77 1.71 -0.10
CA ASP B 175 23.11 0.87 -1.24
C ASP B 175 23.52 -0.50 -0.74
N MET B 176 23.06 -1.53 -1.44
CA MET B 176 23.12 -2.87 -0.89
C MET B 176 23.42 -3.79 -2.06
N ILE B 177 24.29 -4.79 -1.87
CA ILE B 177 24.41 -5.84 -2.87
C ILE B 177 24.49 -7.18 -2.18
N PHE B 178 23.83 -8.18 -2.78
CA PHE B 178 23.71 -9.52 -2.22
C PHE B 178 24.21 -10.51 -3.25
N PHE B 179 25.04 -11.44 -2.81
CA PHE B 179 25.55 -12.50 -3.68
C PHE B 179 25.05 -13.83 -3.14
N SER B 180 24.44 -14.64 -3.99
N SER B 180 24.46 -14.65 -3.99
CA SER B 180 23.80 -15.85 -3.48
CA SER B 180 23.84 -15.86 -3.48
C SER B 180 23.69 -16.87 -4.61
C SER B 180 23.78 -16.89 -4.60
N ASN B 181 23.47 -18.12 -4.23
CA ASN B 181 23.27 -19.20 -5.20
C ASN B 181 21.81 -19.52 -5.40
N ALA B 182 20.95 -18.87 -4.63
CA ALA B 182 19.51 -18.87 -4.80
C ALA B 182 19.06 -17.41 -4.76
N ASN B 183 18.01 -17.08 -5.49
CA ASN B 183 17.60 -15.67 -5.49
C ASN B 183 16.78 -15.37 -4.25
N ILE B 184 17.04 -14.20 -3.65
CA ILE B 184 16.55 -13.92 -2.32
C ILE B 184 15.98 -12.51 -2.22
N TYR B 185 15.71 -11.89 -3.37
CA TYR B 185 15.24 -10.52 -3.32
C TYR B 185 13.84 -10.42 -2.72
N ASP B 186 13.03 -11.48 -2.84
CA ASP B 186 11.72 -11.47 -2.18
C ASP B 186 11.87 -11.39 -0.66
N GLU B 187 12.81 -12.15 -0.11
CA GLU B 187 13.07 -12.12 1.33
C GLU B 187 13.70 -10.80 1.77
N ILE B 188 14.60 -10.24 0.95
CA ILE B 188 15.16 -8.92 1.24
C ILE B 188 14.03 -7.90 1.35
N ILE B 189 13.13 -7.90 0.36
CA ILE B 189 12.01 -6.95 0.36
C ILE B 189 11.16 -7.15 1.60
N ASN B 190 10.92 -8.40 1.99
CA ASN B 190 10.10 -8.67 3.17
C ASN B 190 10.78 -8.21 4.45
N LYS B 191 12.10 -8.40 4.56
CA LYS B 191 12.80 -8.00 5.78
C LYS B 191 12.86 -6.48 5.92
N LEU B 192 13.04 -5.78 4.80
CA LEU B 192 12.99 -4.32 4.81
C LEU B 192 11.62 -3.81 5.20
N LYS B 193 10.57 -4.48 4.72
CA LYS B 193 9.22 -4.03 5.04
C LYS B 193 8.94 -4.18 6.54
N GLU B 194 9.49 -5.21 7.18
CA GLU B 194 9.38 -5.31 8.64
C GLU B 194 9.94 -4.08 9.33
N LEU B 195 10.91 -3.41 8.72
CA LEU B 195 11.50 -2.19 9.26
C LEU B 195 10.81 -0.93 8.77
N GLY B 196 9.68 -1.06 8.09
CA GLY B 196 9.05 0.10 7.49
C GLY B 196 9.89 0.72 6.39
N LEU B 197 10.69 -0.09 5.70
CA LEU B 197 11.57 0.39 4.64
C LEU B 197 11.16 -0.23 3.31
N ASN B 198 11.51 0.47 2.24
N ASN B 198 11.54 0.44 2.22
CA ASN B 198 11.20 0.06 0.88
CA ASN B 198 11.17 0.03 0.88
C ASN B 198 12.43 0.22 0.00
C ASN B 198 12.33 0.30 -0.07
N LEU B 199 12.49 -0.59 -1.05
CA LEU B 199 13.49 -0.43 -2.09
C LEU B 199 13.03 0.58 -3.13
N ASN B 200 14.00 1.17 -3.83
CA ASN B 200 13.71 1.91 -5.07
C ASN B 200 13.49 0.85 -6.15
N GLU B 201 12.23 0.52 -6.40
CA GLU B 201 11.89 -0.65 -7.21
C GLU B 201 12.37 -0.54 -8.64
N THR B 202 12.57 0.68 -9.16
CA THR B 202 13.04 0.87 -10.53
C THR B 202 14.55 0.85 -10.65
N LYS B 203 15.27 0.79 -9.53
CA LYS B 203 16.71 0.86 -9.56
C LYS B 203 17.36 -0.46 -9.12
N THR B 204 16.60 -1.54 -9.03
CA THR B 204 17.21 -2.80 -8.65
C THR B 204 17.83 -3.46 -9.88
N ILE B 205 18.82 -4.31 -9.64
CA ILE B 205 19.52 -5.04 -10.69
C ILE B 205 19.66 -6.48 -10.23
N LEU B 206 19.25 -7.41 -11.08
CA LEU B 206 19.49 -8.82 -10.87
C LEU B 206 20.57 -9.27 -11.87
N GLY B 207 21.47 -10.14 -11.42
CA GLY B 207 22.48 -10.66 -12.31
C GLY B 207 22.70 -12.14 -12.09
N ALA B 208 23.13 -12.81 -13.15
CA ALA B 208 23.61 -14.19 -13.06
C ALA B 208 25.13 -14.16 -13.19
N LYS B 209 25.78 -15.16 -12.60
CA LYS B 209 27.23 -15.30 -12.68
C LYS B 209 27.75 -15.09 -14.10
N GLY B 210 28.72 -14.18 -14.24
CA GLY B 210 29.21 -13.72 -15.53
C GLY B 210 28.79 -12.31 -15.85
N ASP B 211 27.68 -11.85 -15.28
CA ASP B 211 27.22 -10.49 -15.46
C ASP B 211 28.00 -9.52 -14.59
N SER B 212 28.11 -8.28 -15.07
CA SER B 212 28.70 -7.18 -14.30
C SER B 212 27.59 -6.31 -13.72
N VAL B 213 27.94 -5.47 -12.75
CA VAL B 213 26.95 -4.60 -12.14
C VAL B 213 27.65 -3.36 -11.58
N LYS B 214 26.93 -2.23 -11.59
CA LYS B 214 27.40 -1.01 -10.94
C LYS B 214 27.10 -1.06 -9.45
N PHE B 215 28.10 -0.76 -8.63
CA PHE B 215 27.89 -0.65 -7.19
C PHE B 215 28.64 0.59 -6.76
N LEU B 216 27.91 1.57 -6.24
CA LEU B 216 28.50 2.86 -5.86
C LEU B 216 29.13 3.54 -7.07
N GLY B 217 28.58 3.27 -8.25
CA GLY B 217 29.07 3.88 -9.46
C GLY B 217 30.24 3.19 -10.11
N ILE B 218 30.73 2.11 -9.53
CA ILE B 218 31.88 1.36 -10.05
C ILE B 218 31.37 0.08 -10.67
N ILE B 219 31.82 -0.23 -11.88
CA ILE B 219 31.48 -1.52 -12.48
C ILE B 219 32.25 -2.62 -11.77
N ILE B 220 31.54 -3.60 -11.24
N ILE B 220 31.52 -3.58 -11.26
CA ILE B 220 32.16 -4.80 -10.70
CA ILE B 220 32.06 -4.82 -10.71
C ILE B 220 32.03 -5.90 -11.74
C ILE B 220 32.00 -5.85 -11.81
N ASN B 221 33.16 -6.33 -12.28
CA ASN B 221 33.21 -7.27 -13.40
C ASN B 221 33.46 -8.69 -12.92
N PHE B 222 32.78 -9.64 -13.55
CA PHE B 222 33.12 -11.04 -13.37
C PHE B 222 34.51 -11.29 -13.92
N LYS B 223 35.35 -11.92 -13.10
CA LYS B 223 36.75 -12.19 -13.41
C LYS B 223 37.54 -10.91 -13.70
N MET C 21 11.61 -6.01 -13.33
CA MET C 21 11.07 -5.53 -12.06
C MET C 21 12.01 -5.83 -10.90
N LYS C 22 11.44 -5.90 -9.70
CA LYS C 22 12.15 -6.37 -8.52
C LYS C 22 11.54 -7.65 -7.98
N LYS C 23 10.26 -7.64 -7.61
CA LYS C 23 9.59 -8.84 -7.14
C LYS C 23 8.22 -8.99 -7.79
N TYR C 24 7.40 -9.91 -7.27
CA TYR C 24 6.05 -10.11 -7.79
C TYR C 24 5.00 -10.07 -6.69
N MET C 25 5.33 -9.51 -5.52
CA MET C 25 4.41 -9.43 -4.40
C MET C 25 4.09 -7.99 -4.05
N ILE C 26 2.95 -7.80 -3.37
CA ILE C 26 2.55 -6.48 -2.90
C ILE C 26 2.15 -6.56 -1.43
N LYS C 27 2.08 -7.78 -0.89
CA LYS C 27 1.76 -7.95 0.53
C LYS C 27 3.03 -7.92 1.37
N ASN C 28 3.22 -8.94 2.22
CA ASN C 28 4.39 -8.96 3.10
C ASN C 28 4.63 -10.37 3.61
N LYS C 29 5.87 -10.63 4.03
CA LYS C 29 6.29 -11.87 4.66
C LYS C 29 6.13 -13.07 3.73
N ASN C 30 6.05 -14.28 4.31
CA ASN C 30 5.87 -15.48 3.50
C ASN C 30 4.53 -15.48 2.76
N LYS C 31 3.52 -14.83 3.35
CA LYS C 31 2.21 -14.74 2.71
C LYS C 31 2.19 -13.75 1.55
N PHE C 32 3.25 -12.96 1.36
CA PHE C 32 3.28 -11.89 0.37
C PHE C 32 3.00 -12.37 -1.05
N ARG C 33 1.74 -12.28 -1.48
CA ARG C 33 1.25 -12.64 -2.81
C ARG C 33 2.21 -13.45 -3.69
N GLU C 34 3.32 -12.83 -4.11
CA GLU C 34 4.37 -13.38 -4.99
C GLU C 34 3.94 -13.49 -6.45
N VAL C 35 2.79 -12.95 -6.86
CA VAL C 35 2.34 -13.15 -8.23
C VAL C 35 1.68 -11.92 -8.83
N VAL C 36 1.64 -10.81 -8.09
CA VAL C 36 1.22 -9.54 -8.66
C VAL C 36 2.28 -9.06 -9.64
N VAL C 37 1.95 -8.03 -10.43
CA VAL C 37 2.79 -7.49 -11.50
C VAL C 37 2.77 -8.44 -12.69
N TYR C 38 2.51 -7.90 -13.88
CA TYR C 38 2.44 -8.71 -15.10
C TYR C 38 3.15 -8.00 -16.25
N GLU C 39 2.69 -8.25 -17.48
CA GLU C 39 3.26 -7.60 -18.66
C GLU C 39 2.81 -6.14 -18.74
N ASP C 40 2.40 -5.58 -17.59
CA ASP C 40 2.04 -4.17 -17.35
C ASP C 40 1.61 -3.38 -18.58
N ASP C 41 0.30 -3.07 -18.64
CA ASP C 41 -0.37 -2.32 -19.70
C ASP C 41 -0.65 -3.20 -20.91
N GLU C 42 0.39 -3.71 -21.57
CA GLU C 42 0.16 -4.68 -22.63
C GLU C 42 -0.33 -5.98 -22.03
N LEU C 43 -1.56 -6.36 -22.37
CA LEU C 43 -2.28 -7.49 -21.82
C LEU C 43 -3.67 -7.54 -22.45
N ARG C 44 -3.91 -6.62 -23.39
CA ARG C 44 -5.24 -6.50 -23.98
C ARG C 44 -5.67 -7.79 -24.65
N LEU C 45 -4.72 -8.61 -25.11
CA LEU C 45 -5.08 -9.94 -25.59
C LEU C 45 -5.89 -10.67 -24.54
N ARG C 46 -5.28 -10.93 -23.38
CA ARG C 46 -5.97 -11.63 -22.30
C ARG C 46 -7.27 -10.93 -21.89
N LYS C 47 -7.30 -9.60 -21.96
CA LYS C 47 -8.57 -8.88 -21.80
C LYS C 47 -9.57 -9.31 -22.85
N GLU C 48 -9.14 -9.41 -24.11
CA GLU C 48 -10.03 -9.80 -25.19
C GLU C 48 -10.60 -11.19 -24.98
N LEU C 49 -9.76 -12.15 -24.55
CA LEU C 49 -10.33 -13.48 -24.35
C LEU C 49 -11.11 -13.59 -23.05
N LYS C 50 -10.84 -12.74 -22.06
CA LYS C 50 -11.71 -12.69 -20.89
C LYS C 50 -13.11 -12.26 -21.30
N GLU C 51 -13.20 -11.21 -22.11
CA GLU C 51 -14.50 -10.75 -22.61
C GLU C 51 -15.21 -11.83 -23.41
N LYS C 52 -14.46 -12.58 -24.22
CA LYS C 52 -15.10 -13.62 -25.02
C LYS C 52 -15.46 -14.84 -24.17
N LEU C 53 -14.64 -15.16 -23.17
CA LEU C 53 -14.99 -16.27 -22.28
C LEU C 53 -16.20 -15.93 -21.43
N GLU C 54 -16.41 -14.65 -21.13
CA GLU C 54 -17.52 -14.26 -20.27
C GLU C 54 -18.86 -14.60 -20.89
N LYS C 55 -18.91 -14.68 -22.22
CA LYS C 55 -20.14 -15.02 -22.91
C LYS C 55 -20.50 -16.50 -22.78
N TYR C 56 -19.52 -17.35 -22.42
CA TYR C 56 -19.77 -18.79 -22.33
C TYR C 56 -20.27 -19.22 -20.96
N PHE C 57 -20.22 -18.34 -19.97
CA PHE C 57 -20.52 -18.74 -18.61
C PHE C 57 -21.53 -17.79 -18.00
N ILE C 58 -22.44 -18.34 -17.22
CA ILE C 58 -23.30 -17.57 -16.33
C ILE C 58 -23.15 -18.24 -14.98
N PHE C 59 -22.31 -17.67 -14.13
CA PHE C 59 -22.00 -18.29 -12.86
C PHE C 59 -23.18 -18.14 -11.90
N PRO C 60 -23.31 -19.05 -10.93
CA PRO C 60 -24.47 -19.01 -10.05
C PRO C 60 -24.50 -17.70 -9.28
N PRO C 61 -25.70 -17.21 -8.94
CA PRO C 61 -25.80 -15.85 -8.40
C PRO C 61 -25.23 -15.70 -7.02
N CYS C 62 -24.75 -16.78 -6.40
CA CYS C 62 -24.15 -16.70 -5.08
C CYS C 62 -22.68 -16.29 -5.14
N VAL C 63 -22.16 -16.06 -6.36
CA VAL C 63 -20.76 -15.74 -6.59
C VAL C 63 -20.69 -14.27 -6.97
N PHE C 64 -19.84 -13.51 -6.28
CA PHE C 64 -19.89 -12.06 -6.44
C PHE C 64 -18.59 -11.43 -6.90
N SER C 65 -17.56 -12.21 -7.18
CA SER C 65 -16.25 -11.69 -7.57
C SER C 65 -16.03 -11.86 -9.07
N PHE C 66 -15.56 -10.77 -9.70
CA PHE C 66 -15.06 -10.78 -11.09
C PHE C 66 -16.16 -10.97 -12.12
N ILE C 67 -17.38 -10.55 -11.80
CA ILE C 67 -18.53 -10.71 -12.71
C ILE C 67 -19.22 -9.37 -12.87
N LYS C 68 -19.47 -8.96 -14.12
CA LYS C 68 -20.17 -7.68 -14.30
C LYS C 68 -21.56 -7.73 -13.68
N GLY C 69 -21.94 -6.61 -13.06
CA GLY C 69 -23.21 -6.52 -12.40
C GLY C 69 -23.29 -7.13 -11.01
N ARG C 70 -22.15 -7.57 -10.44
CA ARG C 70 -22.11 -8.10 -9.08
C ARG C 70 -20.95 -7.47 -8.34
N SER C 71 -21.08 -7.39 -7.02
CA SER C 71 -20.02 -6.77 -6.23
C SER C 71 -20.00 -7.33 -4.82
N ALA C 72 -18.90 -7.05 -4.11
CA ALA C 72 -18.79 -7.51 -2.73
C ALA C 72 -19.90 -6.92 -1.86
N LYS C 73 -20.36 -5.71 -2.18
CA LYS C 73 -21.47 -5.11 -1.45
C LYS C 73 -22.71 -5.99 -1.49
N ASP C 74 -23.03 -6.57 -2.66
CA ASP C 74 -24.17 -7.46 -2.75
C ASP C 74 -24.05 -8.62 -1.78
N ALA C 75 -22.87 -9.24 -1.74
CA ALA C 75 -22.71 -10.41 -0.88
C ALA C 75 -22.83 -10.04 0.59
N ILE C 76 -22.33 -8.88 0.97
CA ILE C 76 -22.44 -8.43 2.35
C ILE C 76 -23.90 -8.21 2.71
N ILE C 77 -24.64 -7.54 1.83
CA ILE C 77 -26.06 -7.31 2.06
C ILE C 77 -26.80 -8.63 2.21
N LEU C 78 -26.53 -9.59 1.33
CA LEU C 78 -27.20 -10.89 1.45
C LEU C 78 -26.80 -11.59 2.74
N ALA C 79 -25.52 -11.51 3.12
CA ALA C 79 -25.11 -12.15 4.37
C ALA C 79 -25.87 -11.56 5.55
N LYS C 80 -26.08 -10.24 5.56
CA LYS C 80 -26.82 -9.60 6.64
C LYS C 80 -28.27 -10.04 6.66
N GLU C 81 -28.79 -10.51 5.53
CA GLU C 81 -30.13 -11.02 5.53
C GLU C 81 -30.18 -12.49 5.93
N TYR C 82 -29.25 -13.29 5.41
CA TYR C 82 -29.31 -14.73 5.64
C TYR C 82 -28.96 -15.09 7.08
N ILE C 83 -28.17 -14.26 7.75
CA ILE C 83 -27.70 -14.63 9.09
C ILE C 83 -28.87 -14.78 10.06
N ASN C 84 -29.98 -14.09 9.80
CA ASN C 84 -31.13 -14.15 10.69
C ASN C 84 -32.01 -15.36 10.46
N GLN C 85 -31.67 -16.20 9.50
CA GLN C 85 -32.59 -17.22 9.05
C GLN C 85 -32.10 -18.64 9.28
N TYR C 86 -30.91 -18.83 9.86
CA TYR C 86 -30.32 -20.14 9.99
C TYR C 86 -29.74 -20.29 11.39
N ASP C 87 -29.67 -21.54 11.84
CA ASP C 87 -29.17 -21.79 13.19
C ASP C 87 -27.66 -21.73 13.28
N TYR C 88 -26.95 -21.90 12.17
CA TYR C 88 -25.49 -21.95 12.16
C TYR C 88 -24.97 -21.16 10.98
N PHE C 89 -23.73 -20.68 11.12
CA PHE C 89 -23.00 -20.22 9.96
C PHE C 89 -21.56 -20.69 10.06
N PHE C 90 -20.93 -20.79 8.89
CA PHE C 90 -19.55 -21.22 8.79
C PHE C 90 -18.88 -20.27 7.80
N LYS C 91 -17.90 -19.51 8.27
CA LYS C 91 -17.15 -18.59 7.41
C LYS C 91 -15.75 -19.14 7.24
N CYS C 92 -15.25 -19.18 6.00
CA CYS C 92 -13.96 -19.80 5.76
C CYS C 92 -13.36 -19.17 4.51
N ASP C 93 -12.11 -19.51 4.24
CA ASP C 93 -11.52 -19.06 2.99
C ASP C 93 -10.59 -20.15 2.47
N ILE C 94 -10.53 -20.27 1.15
CA ILE C 94 -9.62 -21.19 0.51
C ILE C 94 -8.18 -20.70 0.73
N LYS C 95 -7.32 -21.60 1.19
CA LYS C 95 -5.92 -21.27 1.37
C LYS C 95 -5.19 -21.29 0.03
N ASP C 96 -4.44 -20.24 -0.26
CA ASP C 96 -3.65 -20.13 -1.48
C ASP C 96 -4.48 -20.57 -2.69
N PHE C 97 -5.61 -19.88 -2.88
CA PHE C 97 -6.58 -20.27 -3.90
C PHE C 97 -5.98 -20.32 -5.30
N PHE C 98 -5.56 -19.17 -5.82
CA PHE C 98 -5.04 -19.13 -7.19
C PHE C 98 -3.84 -20.04 -7.37
N PRO C 99 -2.84 -20.07 -6.46
CA PRO C 99 -1.73 -21.03 -6.65
C PRO C 99 -2.14 -22.49 -6.59
N SER C 100 -3.32 -22.83 -6.06
CA SER C 100 -3.73 -24.23 -5.93
C SER C 100 -4.63 -24.72 -7.06
N ILE C 101 -5.03 -23.86 -7.99
CA ILE C 101 -5.85 -24.32 -9.11
C ILE C 101 -5.08 -25.34 -9.93
N ASN C 102 -5.67 -26.52 -10.10
CA ASN C 102 -5.08 -27.58 -10.92
C ASN C 102 -5.36 -27.30 -12.40
N ILE C 103 -4.29 -27.12 -13.19
CA ILE C 103 -4.47 -26.74 -14.59
C ILE C 103 -5.12 -27.85 -15.39
N GLU C 104 -4.82 -29.12 -15.07
CA GLU C 104 -5.44 -30.23 -15.79
C GLU C 104 -6.95 -30.23 -15.59
N LYS C 105 -7.39 -30.05 -14.34
CA LYS C 105 -8.82 -29.98 -14.08
C LYS C 105 -9.44 -28.73 -14.71
N LEU C 106 -8.75 -27.60 -14.65
CA LEU C 106 -9.27 -26.38 -15.25
C LEU C 106 -9.46 -26.56 -16.76
N LEU C 107 -8.47 -27.14 -17.43
CA LEU C 107 -8.57 -27.27 -18.89
C LEU C 107 -9.69 -28.22 -19.30
N ASN C 108 -9.96 -29.25 -18.49
CA ASN C 108 -11.11 -30.13 -18.77
C ASN C 108 -12.42 -29.37 -18.62
N LEU C 109 -12.63 -28.73 -17.47
CA LEU C 109 -13.83 -27.93 -17.26
C LEU C 109 -14.03 -26.91 -18.37
N LEU C 110 -12.94 -26.45 -18.98
CA LEU C 110 -13.04 -25.54 -20.12
C LEU C 110 -13.33 -26.29 -21.41
N ARG C 111 -12.90 -27.56 -21.50
CA ARG C 111 -13.23 -28.39 -22.65
C ARG C 111 -14.74 -28.55 -22.76
N LYS C 112 -15.38 -29.03 -21.68
CA LYS C 112 -16.81 -29.33 -21.69
C LYS C 112 -17.68 -28.13 -22.08
N ARG C 113 -17.13 -26.92 -22.10
CA ARG C 113 -17.94 -25.72 -22.21
C ARG C 113 -17.62 -24.82 -23.39
N VAL C 114 -16.42 -24.88 -23.95
CA VAL C 114 -16.02 -23.99 -25.03
C VAL C 114 -16.05 -24.78 -26.34
N ASN C 115 -16.99 -24.44 -27.22
CA ASN C 115 -17.12 -25.14 -28.48
C ASN C 115 -16.04 -24.73 -29.46
N ASP C 116 -15.92 -23.42 -29.72
CA ASP C 116 -14.93 -22.91 -30.68
C ASP C 116 -13.55 -23.43 -30.31
N VAL C 117 -13.13 -24.51 -30.96
CA VAL C 117 -11.88 -25.18 -30.59
C VAL C 117 -10.71 -24.24 -30.81
N LYS C 118 -10.77 -23.41 -31.85
CA LYS C 118 -9.81 -22.32 -32.02
C LYS C 118 -9.71 -21.47 -30.76
N PHE C 119 -10.83 -20.91 -30.32
CA PHE C 119 -10.84 -20.08 -29.12
C PHE C 119 -10.34 -20.86 -27.91
N PHE C 120 -10.77 -22.13 -27.77
CA PHE C 120 -10.22 -22.97 -26.71
C PHE C 120 -8.71 -23.06 -26.79
N LYS C 121 -8.18 -23.39 -27.97
CA LYS C 121 -6.74 -23.56 -28.12
C LYS C 121 -5.98 -22.30 -27.76
N GLU C 122 -6.48 -21.13 -28.15
CA GLU C 122 -5.77 -19.91 -27.76
C GLU C 122 -5.88 -19.68 -26.26
N LEU C 123 -7.07 -19.90 -25.69
CA LEU C 123 -7.23 -19.89 -24.24
C LEU C 123 -6.23 -20.81 -23.57
N GLU C 124 -6.16 -22.05 -24.05
CA GLU C 124 -5.25 -23.03 -23.46
C GLU C 124 -3.81 -22.54 -23.49
N LYS C 125 -3.37 -21.98 -24.62
CA LYS C 125 -1.97 -21.57 -24.73
C LYS C 125 -1.65 -20.43 -23.76
N LEU C 126 -2.60 -19.53 -23.50
CA LEU C 126 -2.35 -18.50 -22.52
C LEU C 126 -2.41 -19.03 -21.09
N ILE C 127 -3.24 -20.04 -20.83
CA ILE C 127 -3.27 -20.63 -19.50
C ILE C 127 -1.95 -21.32 -19.19
N ILE C 128 -1.35 -21.99 -20.19
CA ILE C 128 -0.06 -22.64 -20.00
C ILE C 128 1.03 -21.61 -19.72
N GLU C 129 1.02 -20.49 -20.45
CA GLU C 129 1.97 -19.41 -20.20
C GLU C 129 1.76 -18.82 -18.80
N ASP C 130 0.50 -18.56 -18.43
CA ASP C 130 0.19 -18.02 -17.12
C ASP C 130 0.70 -18.96 -16.02
N ASN C 131 0.53 -20.26 -16.22
CA ASN C 131 0.95 -21.24 -15.21
C ASN C 131 2.47 -21.28 -15.11
N LYS C 132 3.16 -21.14 -16.24
CA LYS C 132 4.62 -21.05 -16.20
C LYS C 132 5.09 -19.83 -15.41
N ILE C 133 4.47 -18.67 -15.65
CA ILE C 133 4.84 -17.47 -14.90
C ILE C 133 4.61 -17.69 -13.40
N ALA C 134 3.63 -18.50 -13.06
CA ALA C 134 3.35 -18.86 -11.67
C ALA C 134 4.22 -19.98 -11.17
N ASP C 135 5.28 -20.34 -11.90
CA ASP C 135 6.17 -21.43 -11.50
C ASP C 135 5.38 -22.72 -11.33
N PHE C 136 4.39 -22.90 -12.21
CA PHE C 136 3.51 -24.06 -12.29
C PHE C 136 2.60 -24.19 -11.08
N LYS C 137 2.51 -23.16 -10.25
CA LYS C 137 1.61 -23.17 -9.11
C LYS C 137 0.36 -22.40 -9.50
N GLY C 138 -0.56 -23.10 -10.18
CA GLY C 138 -1.88 -22.55 -10.40
C GLY C 138 -1.85 -21.38 -11.36
N LEU C 139 -2.63 -20.38 -11.04
CA LEU C 139 -2.81 -19.23 -11.90
C LEU C 139 -2.19 -17.99 -11.25
N PRO C 140 -1.57 -17.12 -12.04
CA PRO C 140 -0.95 -15.93 -11.48
C PRO C 140 -1.97 -14.84 -11.23
N LEU C 141 -1.75 -14.09 -10.14
CA LEU C 141 -2.69 -13.05 -9.74
C LEU C 141 -2.78 -11.89 -10.73
N GLY C 142 -1.68 -11.55 -11.39
CA GLY C 142 -1.72 -10.40 -12.29
C GLY C 142 -2.37 -10.65 -13.63
N SER C 143 -2.75 -11.90 -13.95
CA SER C 143 -3.26 -12.16 -15.28
C SER C 143 -4.73 -11.76 -15.38
N PRO C 144 -5.15 -11.23 -16.53
CA PRO C 144 -6.57 -10.89 -16.71
C PRO C 144 -7.48 -12.11 -16.73
N LEU C 145 -6.98 -13.24 -17.24
CA LEU C 145 -7.79 -14.45 -17.33
C LEU C 145 -7.97 -15.14 -15.99
N SER C 146 -7.04 -14.95 -15.06
CA SER C 146 -7.10 -15.71 -13.80
C SER C 146 -8.41 -15.55 -13.05
N PRO C 147 -8.98 -14.35 -12.88
CA PRO C 147 -10.22 -14.24 -12.10
C PRO C 147 -11.39 -15.02 -12.67
N ILE C 148 -11.72 -14.85 -13.95
CA ILE C 148 -12.84 -15.62 -14.50
C ILE C 148 -12.51 -17.12 -14.45
N LEU C 149 -11.24 -17.48 -14.69
CA LEU C 149 -10.89 -18.89 -14.66
C LEU C 149 -11.08 -19.49 -13.27
N SER C 150 -10.89 -18.68 -12.22
CA SER C 150 -11.18 -19.16 -10.88
C SER C 150 -12.67 -19.43 -10.70
N ASN C 151 -13.53 -18.65 -11.36
CA ASN C 151 -14.97 -18.93 -11.31
C ASN C 151 -15.33 -20.15 -12.14
N VAL C 152 -14.64 -20.35 -13.27
CA VAL C 152 -14.81 -21.58 -14.03
C VAL C 152 -14.44 -22.77 -13.16
N TYR C 153 -13.33 -22.64 -12.43
CA TYR C 153 -12.81 -23.74 -11.62
C TYR C 153 -13.79 -24.16 -10.53
N LEU C 154 -14.46 -23.21 -9.90
CA LEU C 154 -15.38 -23.50 -8.79
C LEU C 154 -16.85 -23.62 -9.21
N GLU C 155 -17.17 -23.48 -10.49
CA GLU C 155 -18.58 -23.40 -10.89
C GLU C 155 -19.39 -24.61 -10.41
N GLU C 156 -18.85 -25.82 -10.56
CA GLU C 156 -19.56 -27.01 -10.11
C GLU C 156 -19.71 -27.01 -8.59
N PHE C 157 -18.64 -26.64 -7.88
CA PHE C 157 -18.69 -26.51 -6.43
C PHE C 157 -19.70 -25.46 -6.01
N ASP C 158 -19.67 -24.29 -6.65
CA ASP C 158 -20.60 -23.23 -6.29
C ASP C 158 -22.03 -23.69 -6.49
N ASN C 159 -22.30 -24.30 -7.65
CA ASN C 159 -23.66 -24.73 -7.95
C ASN C 159 -24.13 -25.80 -6.96
N TYR C 160 -23.21 -26.67 -6.54
CA TYR C 160 -23.54 -27.72 -5.59
C TYR C 160 -24.12 -27.14 -4.30
N PHE C 161 -23.47 -26.12 -3.75
CA PHE C 161 -23.98 -25.54 -2.51
C PHE C 161 -25.11 -24.55 -2.78
N TYR C 162 -25.07 -23.88 -3.93
CA TYR C 162 -26.12 -22.91 -4.25
C TYR C 162 -27.48 -23.59 -4.40
N LYS C 163 -27.51 -24.74 -5.07
CA LYS C 163 -28.76 -25.39 -5.40
C LYS C 163 -29.37 -26.15 -4.23
N ASN C 164 -28.61 -26.34 -3.15
CA ASN C 164 -29.12 -26.95 -1.93
C ASN C 164 -30.16 -26.01 -1.31
N LYS C 165 -31.42 -26.44 -1.29
CA LYS C 165 -32.47 -25.55 -0.80
C LYS C 165 -32.43 -25.35 0.71
N LYS C 166 -31.65 -26.15 1.45
CA LYS C 166 -31.67 -26.11 2.90
C LYS C 166 -30.62 -25.19 3.49
N ILE C 167 -29.81 -24.53 2.66
CA ILE C 167 -28.70 -23.72 3.11
C ILE C 167 -28.64 -22.47 2.25
N ARG C 168 -27.81 -21.52 2.68
CA ARG C 168 -27.39 -20.44 1.81
C ARG C 168 -25.88 -20.43 1.76
N TYR C 169 -25.34 -19.81 0.72
CA TYR C 169 -23.91 -19.85 0.45
C TYR C 169 -23.58 -18.60 -0.34
N LEU C 170 -22.49 -17.93 0.03
CA LEU C 170 -22.02 -16.74 -0.67
C LEU C 170 -20.52 -16.85 -0.84
N ARG C 171 -20.01 -16.43 -1.99
CA ARG C 171 -18.56 -16.50 -2.21
C ARG C 171 -18.10 -15.24 -2.90
N PHE C 172 -16.99 -14.68 -2.42
CA PHE C 172 -16.29 -13.62 -3.13
C PHE C 172 -14.84 -14.05 -3.19
N CYS C 173 -14.36 -14.40 -4.38
CA CYS C 173 -13.00 -14.90 -4.58
C CYS C 173 -12.77 -16.07 -3.63
N ASP C 174 -11.79 -15.98 -2.75
CA ASP C 174 -11.51 -17.12 -1.89
C ASP C 174 -12.33 -17.13 -0.60
N ASP C 175 -13.11 -16.07 -0.33
CA ASP C 175 -13.87 -15.97 0.93
C ASP C 175 -15.28 -16.51 0.77
N MET C 176 -15.70 -17.36 1.70
CA MET C 176 -17.00 -18.04 1.62
C MET C 176 -17.72 -17.96 2.94
N ILE C 177 -19.05 -17.92 2.90
CA ILE C 177 -19.82 -18.12 4.12
C ILE C 177 -21.02 -19.00 3.80
N PHE C 178 -21.34 -19.89 4.72
CA PHE C 178 -22.41 -20.87 4.59
C PHE C 178 -23.36 -20.68 5.75
N PHE C 179 -24.66 -20.65 5.46
CA PHE C 179 -25.69 -20.59 6.49
C PHE C 179 -26.50 -21.86 6.44
N SER C 180 -26.68 -22.49 7.59
CA SER C 180 -27.30 -23.81 7.58
C SER C 180 -27.92 -24.10 8.94
N ASN C 181 -28.79 -25.11 8.97
CA ASN C 181 -29.40 -25.59 10.21
C ASN C 181 -28.75 -26.87 10.71
N ALA C 182 -27.78 -27.38 9.96
CA ALA C 182 -26.99 -28.53 10.30
C ALA C 182 -25.58 -28.21 9.84
N ASN C 183 -24.59 -28.63 10.60
CA ASN C 183 -23.26 -28.15 10.28
C ASN C 183 -22.72 -28.94 9.11
N ILE C 184 -22.15 -28.24 8.14
CA ILE C 184 -21.77 -28.86 6.86
C ILE C 184 -20.30 -28.63 6.52
N TYR C 185 -19.51 -28.10 7.47
CA TYR C 185 -18.14 -27.76 7.11
C TYR C 185 -17.33 -28.99 6.75
N ASP C 186 -17.67 -30.16 7.29
CA ASP C 186 -16.96 -31.36 6.88
C ASP C 186 -17.22 -31.68 5.41
N GLU C 187 -18.42 -31.36 4.91
CA GLU C 187 -18.72 -31.61 3.50
C GLU C 187 -18.08 -30.56 2.59
N ILE C 188 -18.03 -29.29 3.03
CA ILE C 188 -17.27 -28.28 2.29
C ILE C 188 -15.84 -28.75 2.07
N ILE C 189 -15.26 -29.33 3.10
CA ILE C 189 -13.88 -29.75 3.06
C ILE C 189 -13.70 -30.89 2.06
N ASN C 190 -14.60 -31.88 2.09
CA ASN C 190 -14.67 -32.90 1.05
C ASN C 190 -14.69 -32.32 -0.35
N LYS C 191 -15.63 -31.42 -0.62
CA LYS C 191 -15.79 -30.92 -1.99
C LYS C 191 -14.58 -30.11 -2.41
N LEU C 192 -13.96 -29.40 -1.47
CA LEU C 192 -12.76 -28.63 -1.78
C LEU C 192 -11.61 -29.57 -2.11
N LYS C 193 -11.55 -30.71 -1.41
CA LYS C 193 -10.49 -31.68 -1.63
C LYS C 193 -10.57 -32.31 -3.02
N GLU C 194 -11.78 -32.50 -3.56
CA GLU C 194 -11.91 -32.99 -4.93
C GLU C 194 -11.29 -32.04 -5.95
N LEU C 195 -11.19 -30.76 -5.62
CA LEU C 195 -10.57 -29.78 -6.50
C LEU C 195 -9.12 -29.51 -6.14
N GLY C 196 -8.56 -30.26 -5.19
CA GLY C 196 -7.21 -29.99 -4.76
C GLY C 196 -7.07 -28.77 -3.88
N LEU C 197 -8.15 -28.34 -3.24
CA LEU C 197 -8.18 -27.10 -2.48
C LEU C 197 -8.32 -27.39 -1.00
N ASN C 198 -7.92 -26.40 -0.19
CA ASN C 198 -7.96 -26.49 1.26
C ASN C 198 -8.44 -25.17 1.85
N LEU C 199 -9.04 -25.27 3.03
CA LEU C 199 -9.40 -24.11 3.81
C LEU C 199 -8.19 -23.60 4.58
N ASN C 200 -8.15 -22.30 4.83
CA ASN C 200 -7.16 -21.75 5.75
C ASN C 200 -7.71 -21.99 7.16
N GLU C 201 -7.24 -23.07 7.78
CA GLU C 201 -7.82 -23.58 9.01
C GLU C 201 -7.85 -22.51 10.11
N THR C 202 -6.83 -21.68 10.18
CA THR C 202 -6.73 -20.72 11.27
C THR C 202 -7.76 -19.60 11.17
N LYS C 203 -8.35 -19.36 9.99
CA LYS C 203 -9.22 -18.22 9.78
C LYS C 203 -10.69 -18.62 9.66
N THR C 204 -11.00 -19.88 9.94
CA THR C 204 -12.36 -20.38 9.92
C THR C 204 -13.15 -19.93 11.14
N ILE C 205 -14.44 -19.63 10.94
CA ILE C 205 -15.30 -19.15 12.02
C ILE C 205 -16.62 -19.91 11.97
N LEU C 206 -16.93 -20.63 13.05
CA LEU C 206 -18.24 -21.25 13.20
C LEU C 206 -19.07 -20.37 14.12
N GLY C 207 -20.37 -20.27 13.84
CA GLY C 207 -21.26 -19.54 14.72
C GLY C 207 -22.59 -20.24 14.86
N ALA C 208 -23.24 -19.99 16.01
CA ALA C 208 -24.62 -20.35 16.24
C ALA C 208 -25.49 -19.10 16.11
N LYS C 209 -26.74 -19.31 15.72
CA LYS C 209 -27.71 -18.20 15.61
C LYS C 209 -27.60 -17.26 16.82
N GLY C 210 -27.41 -15.98 16.53
CA GLY C 210 -27.18 -14.97 17.54
C GLY C 210 -25.77 -14.42 17.49
N ASP C 211 -24.83 -15.20 16.97
CA ASP C 211 -23.46 -14.75 16.86
C ASP C 211 -23.28 -13.88 15.64
N SER C 212 -22.29 -13.01 15.73
CA SER C 212 -21.86 -12.14 14.64
C SER C 212 -20.62 -12.74 13.99
N VAL C 213 -20.30 -12.27 12.78
CA VAL C 213 -19.12 -12.74 12.07
C VAL C 213 -18.66 -11.64 11.11
N LYS C 214 -17.35 -11.51 10.95
CA LYS C 214 -16.79 -10.61 9.95
C LYS C 214 -16.75 -11.30 8.59
N PHE C 215 -17.34 -10.67 7.58
CA PHE C 215 -17.37 -11.24 6.24
C PHE C 215 -17.04 -10.12 5.27
N LEU C 216 -15.99 -10.31 4.47
CA LEU C 216 -15.53 -9.29 3.52
C LEU C 216 -15.28 -7.96 4.23
N GLY C 217 -14.83 -8.04 5.48
CA GLY C 217 -14.43 -6.85 6.20
C GLY C 217 -15.51 -6.19 7.02
N ILE C 218 -16.74 -6.68 6.95
CA ILE C 218 -17.88 -6.04 7.61
C ILE C 218 -18.44 -7.00 8.64
N ILE C 219 -18.81 -6.50 9.80
CA ILE C 219 -19.44 -7.35 10.81
C ILE C 219 -20.87 -7.63 10.40
N ILE C 220 -21.20 -8.91 10.28
CA ILE C 220 -22.55 -9.38 10.02
C ILE C 220 -23.16 -9.73 11.36
N ASN C 221 -24.22 -9.02 11.75
CA ASN C 221 -24.84 -9.21 13.05
C ASN C 221 -26.21 -9.85 12.92
N PHE C 222 -26.54 -10.68 13.90
CA PHE C 222 -27.89 -11.21 14.05
C PHE C 222 -28.80 -10.11 14.55
N LYS C 223 -29.95 -9.92 13.91
CA LYS C 223 -30.87 -8.87 14.33
C LYS C 223 -32.14 -9.44 14.98
#